data_6A1M
#
_entry.id   6A1M
#
_cell.length_a   137.913
_cell.length_b   137.913
_cell.length_c   111.182
_cell.angle_alpha   90.00
_cell.angle_beta   90.00
_cell.angle_gamma   90.00
#
_symmetry.space_group_name_H-M   'I 4 2 2'
#
loop_
_entity.id
_entity.type
_entity.pdbx_description
1 polymer '4-hydroxymandelate oxidase'
2 non-polymer 1-deoxy-1-(7,8-dimethyl-2,4-dioxo-3,4-dihydropyrimido[4,5-b]quinolin-10(2H)-yl)-5-O-phosphono-D-ribitol
3 non-polymer 'MAGNESIUM ION'
4 non-polymer 'BENZOYL-FORMIC ACID'
5 water water
#
_entity_poly.entity_id   1
_entity_poly.type   'polypeptide(L)'
_entity_poly.pdbx_seq_one_letter_code
;MGSSHHHHHHSSGLVPRGSHMTYVSLADLERAARDVLPGEIFDFLAGGSGTEASLVANRTALERVFVIPRMLRDLTDVTT
EIDIFGRRAALPMAVAPVAYQRLFHPEGELAVARAARDAGVPYTICTLSSVSLEEIAAVGGRPWFQLFWLRDEKRSLDLV
RRAEDAGCEAIVFTVDVPWMGRRLRDMRNGFALPEWVTAANFDAGTAAHRRTQGVSAVADHTAREFAPATWESVEAVRAH
TDLPVVLKGILAVEDARRAVDAGAGGIVVSNHGGRQLDGAVPGIEMLGEIVAAVSGGCEVLVDGGIRSGGDVLKATALGA
SAVLVGRPVMWALAAAGQDGVRQLLELLAEEVRDAMGLAGCESVGAARRLNTKLGVV
;
_entity_poly.pdbx_strand_id   A
#
# COMPACT_ATOMS: atom_id res chain seq x y z
N ALA A 27 1.24 0.04 -15.32
CA ALA A 27 0.62 0.99 -16.20
C ALA A 27 1.18 0.89 -17.61
N ASP A 28 0.85 -0.20 -18.31
CA ASP A 28 1.27 -0.65 -19.64
C ASP A 28 2.69 -1.25 -19.64
N LEU A 29 3.43 -1.17 -18.52
CA LEU A 29 4.58 -2.03 -18.21
C LEU A 29 4.15 -3.45 -17.86
N GLU A 30 2.85 -3.67 -17.66
CA GLU A 30 2.41 -5.01 -17.31
C GLU A 30 2.76 -6.01 -18.41
N ARG A 31 2.75 -5.56 -19.68
CA ARG A 31 3.04 -6.48 -20.78
C ARG A 31 4.49 -6.95 -20.71
N ALA A 32 5.41 -5.99 -20.56
CA ALA A 32 6.82 -6.30 -20.40
C ALA A 32 7.07 -7.28 -19.26
N ALA A 33 6.41 -7.07 -18.12
CA ALA A 33 6.57 -7.99 -17.00
C ALA A 33 6.03 -9.38 -17.34
N ARG A 34 4.92 -9.46 -18.07
CA ARG A 34 4.42 -10.77 -18.47
C ARG A 34 5.39 -11.45 -19.43
N ASP A 35 5.97 -10.67 -20.35
CA ASP A 35 7.00 -11.19 -21.26
C ASP A 35 8.16 -11.83 -20.51
N VAL A 36 8.71 -11.14 -19.51
CA VAL A 36 9.94 -11.61 -18.87
C VAL A 36 9.69 -12.64 -17.77
N LEU A 37 8.56 -12.55 -17.03
CA LEU A 37 8.54 -13.43 -15.86
C LEU A 37 8.10 -14.83 -16.23
N PRO A 38 8.58 -15.84 -15.51
CA PRO A 38 7.96 -17.15 -15.59
C PRO A 38 6.45 -17.02 -15.30
N GLY A 39 5.65 -17.79 -16.04
CA GLY A 39 4.20 -17.70 -15.90
C GLY A 39 3.73 -17.86 -14.47
N GLU A 40 4.30 -18.82 -13.73
CA GLU A 40 3.80 -19.08 -12.38
C GLU A 40 4.16 -17.93 -11.43
N ILE A 41 5.26 -17.23 -11.70
CA ILE A 41 5.58 -16.04 -10.90
C ILE A 41 4.68 -14.88 -11.29
N PHE A 42 4.45 -14.70 -12.58
CA PHE A 42 3.47 -13.70 -12.99
C PHE A 42 2.12 -13.97 -12.32
N ASP A 43 1.71 -15.25 -12.24
CA ASP A 43 0.42 -15.56 -11.63
C ASP A 43 0.43 -15.30 -10.13
N PHE A 44 1.53 -15.62 -9.44
CA PHE A 44 1.65 -15.30 -8.03
C PHE A 44 1.41 -13.80 -7.80
N LEU A 45 2.00 -12.97 -8.67
CA LEU A 45 1.87 -11.52 -8.58
C LEU A 45 0.45 -11.05 -8.91
N ALA A 46 -0.11 -11.52 -10.02
CA ALA A 46 -1.35 -10.97 -10.58
C ALA A 46 -2.59 -11.49 -9.86
N GLY A 47 -2.50 -12.71 -9.33
CA GLY A 47 -3.69 -13.42 -8.88
C GLY A 47 -4.37 -12.89 -7.63
N GLY A 48 -5.62 -13.36 -7.46
CA GLY A 48 -6.38 -13.15 -6.23
C GLY A 48 -6.89 -14.45 -5.68
N SER A 49 -7.72 -14.40 -4.65
CA SER A 49 -8.26 -15.62 -4.05
C SER A 49 -9.56 -16.03 -4.74
N GLY A 50 -9.90 -17.30 -4.60
CA GLY A 50 -11.21 -17.75 -5.07
C GLY A 50 -11.44 -17.51 -6.55
N THR A 51 -12.61 -16.91 -6.86
CA THR A 51 -12.97 -16.57 -8.23
C THR A 51 -12.39 -15.26 -8.70
N GLU A 52 -11.59 -14.58 -7.87
CA GLU A 52 -10.99 -13.26 -8.15
C GLU A 52 -12.05 -12.16 -8.25
N ALA A 53 -13.22 -12.35 -7.63
CA ALA A 53 -14.25 -11.32 -7.67
C ALA A 53 -13.78 -10.02 -7.02
N SER A 54 -13.03 -10.14 -5.89
CA SER A 54 -12.63 -8.92 -5.19
C SER A 54 -11.47 -8.24 -5.91
N LEU A 55 -10.64 -9.05 -6.61
CA LEU A 55 -9.58 -8.46 -7.44
C LEU A 55 -10.16 -7.62 -8.56
N VAL A 56 -11.13 -8.18 -9.29
CA VAL A 56 -11.77 -7.43 -10.36
C VAL A 56 -12.54 -6.23 -9.81
N ALA A 57 -13.22 -6.42 -8.65
CA ALA A 57 -14.02 -5.32 -8.13
C ALA A 57 -13.19 -4.11 -7.73
N ASN A 58 -11.94 -4.31 -7.35
CA ASN A 58 -11.12 -3.14 -7.03
C ASN A 58 -11.03 -2.20 -8.24
N ARG A 59 -10.88 -2.78 -9.42
CA ARG A 59 -10.86 -1.93 -10.60
C ARG A 59 -12.22 -1.41 -10.99
N THR A 60 -13.24 -2.28 -10.97
N THR A 60 -13.26 -2.25 -10.97
CA THR A 60 -14.59 -1.82 -11.32
CA THR A 60 -14.55 -1.71 -11.40
C THR A 60 -15.01 -0.65 -10.44
C THR A 60 -15.08 -0.66 -10.44
N ALA A 61 -14.69 -0.73 -9.16
CA ALA A 61 -15.15 0.30 -8.24
C ALA A 61 -14.50 1.64 -8.56
N LEU A 62 -13.20 1.65 -8.87
CA LEU A 62 -12.54 2.91 -9.22
C LEU A 62 -13.10 3.48 -10.49
N GLU A 63 -13.40 2.60 -11.46
CA GLU A 63 -13.89 3.06 -12.75
C GLU A 63 -15.28 3.67 -12.66
N ARG A 64 -16.05 3.37 -11.61
CA ARG A 64 -17.36 3.97 -11.46
C ARG A 64 -17.30 5.37 -10.85
N VAL A 65 -16.17 5.78 -10.26
CA VAL A 65 -16.02 7.06 -9.60
C VAL A 65 -15.64 8.09 -10.66
N PHE A 66 -16.38 9.20 -10.68
CA PHE A 66 -16.00 10.35 -11.50
C PHE A 66 -15.77 11.54 -10.60
N VAL A 67 -14.73 12.33 -10.94
CA VAL A 67 -14.43 13.53 -10.15
C VAL A 67 -15.20 14.72 -10.71
N ILE A 68 -15.62 15.64 -9.84
CA ILE A 68 -16.19 16.92 -10.28
C ILE A 68 -15.07 17.96 -10.12
N PRO A 69 -14.36 18.31 -11.19
CA PRO A 69 -13.21 19.23 -11.05
C PRO A 69 -13.66 20.66 -10.83
N ARG A 70 -12.80 21.43 -10.18
CA ARG A 70 -12.98 22.86 -10.01
C ARG A 70 -12.11 23.64 -10.99
N MET A 71 -12.59 24.83 -11.34
CA MET A 71 -11.90 25.64 -12.36
C MET A 71 -11.44 26.99 -11.79
N LEU A 72 -10.45 27.58 -12.47
CA LEU A 72 -10.12 29.00 -12.31
C LEU A 72 -9.48 29.30 -10.95
N ARG A 73 -8.87 28.29 -10.31
CA ARG A 73 -8.18 28.52 -9.03
C ARG A 73 -6.71 28.78 -9.29
N ASP A 74 -6.06 29.36 -8.28
CA ASP A 74 -4.64 29.67 -8.40
C ASP A 74 -3.82 28.39 -8.39
N LEU A 75 -3.04 28.18 -9.43
CA LEU A 75 -2.19 27.01 -9.55
C LEU A 75 -0.73 27.42 -9.64
N THR A 76 -0.39 28.59 -9.07
CA THR A 76 0.98 29.07 -9.25
C THR A 76 1.99 28.19 -8.54
N ASP A 77 1.58 27.52 -7.46
CA ASP A 77 2.46 26.68 -6.63
C ASP A 77 1.83 25.30 -6.39
N VAL A 78 1.44 24.59 -7.47
CA VAL A 78 0.84 23.26 -7.28
C VAL A 78 1.90 22.37 -6.61
N THR A 79 1.51 21.68 -5.56
CA THR A 79 2.42 20.77 -4.88
C THR A 79 1.68 19.47 -4.59
N THR A 80 2.33 18.36 -4.88
CA THR A 80 1.79 17.03 -4.56
C THR A 80 2.28 16.49 -3.22
N GLU A 81 3.04 17.27 -2.46
CA GLU A 81 3.62 16.81 -1.20
C GLU A 81 2.57 16.67 -0.13
N ILE A 82 2.82 15.74 0.78
CA ILE A 82 2.00 15.62 1.98
C ILE A 82 2.94 15.41 3.16
N ASP A 83 2.40 15.64 4.36
CA ASP A 83 3.09 15.25 5.59
C ASP A 83 2.34 14.08 6.16
N ILE A 84 3.06 12.98 6.42
CA ILE A 84 2.40 11.80 6.97
C ILE A 84 3.37 11.10 7.92
N PHE A 85 2.87 10.76 9.12
CA PHE A 85 3.67 10.04 10.14
C PHE A 85 4.98 10.78 10.39
N GLY A 86 4.86 12.10 10.50
CA GLY A 86 5.95 12.98 10.90
C GLY A 86 6.91 13.38 9.80
N ARG A 87 6.65 12.99 8.55
CA ARG A 87 7.65 13.17 7.51
C ARG A 87 6.98 13.66 6.23
N ARG A 88 7.70 14.48 5.47
CA ARG A 88 7.22 14.89 4.16
C ARG A 88 7.36 13.73 3.19
N ALA A 89 6.38 13.57 2.30
CA ALA A 89 6.46 12.63 1.20
C ALA A 89 6.21 13.42 -0.08
N ALA A 90 6.82 13.02 -1.20
CA ALA A 90 6.74 13.80 -2.41
C ALA A 90 5.41 13.70 -3.12
N LEU A 91 4.64 12.63 -2.83
CA LEU A 91 3.36 12.34 -3.46
C LEU A 91 2.52 11.73 -2.37
N PRO A 92 1.21 11.73 -2.54
CA PRO A 92 0.36 11.02 -1.57
C PRO A 92 0.29 9.53 -1.85
N MET A 93 1.45 8.86 -1.80
CA MET A 93 1.55 7.48 -2.26
C MET A 93 2.73 6.84 -1.57
N ALA A 94 2.61 5.57 -1.24
CA ALA A 94 3.71 4.77 -0.72
C ALA A 94 3.73 3.44 -1.48
N VAL A 95 4.88 2.74 -1.51
CA VAL A 95 4.94 1.39 -2.10
C VAL A 95 4.36 0.38 -1.12
N ALA A 96 3.32 -0.37 -1.56
CA ALA A 96 2.67 -1.35 -0.70
C ALA A 96 3.64 -2.46 -0.31
N PRO A 97 3.43 -3.11 0.82
CA PRO A 97 4.21 -4.32 1.14
C PRO A 97 3.89 -5.46 0.18
N VAL A 98 4.91 -5.98 -0.54
CA VAL A 98 4.74 -7.13 -1.43
C VAL A 98 5.90 -8.06 -1.11
N ALA A 99 5.61 -9.30 -0.72
CA ALA A 99 6.65 -10.22 -0.22
C ALA A 99 7.57 -10.68 -1.35
N TYR A 100 8.81 -11.03 -0.99
CA TYR A 100 9.70 -11.85 -1.86
C TYR A 100 10.00 -11.18 -3.21
N GLN A 101 10.48 -9.93 -3.16
CA GLN A 101 10.63 -9.20 -4.42
C GLN A 101 11.78 -9.73 -5.29
N ARG A 102 12.68 -10.54 -4.73
CA ARG A 102 13.66 -11.21 -5.61
C ARG A 102 12.99 -12.18 -6.56
N LEU A 103 11.72 -12.50 -6.35
CA LEU A 103 11.02 -13.27 -7.36
C LEU A 103 10.97 -12.55 -8.70
N PHE A 104 10.99 -11.20 -8.70
CA PHE A 104 10.71 -10.42 -9.89
C PHE A 104 11.96 -9.88 -10.55
N HIS A 105 13.03 -9.73 -9.79
CA HIS A 105 14.28 -9.16 -10.29
C HIS A 105 15.38 -9.53 -9.32
N PRO A 106 16.61 -9.77 -9.80
CA PRO A 106 17.69 -10.16 -8.88
C PRO A 106 17.99 -9.17 -7.77
N GLU A 107 17.80 -7.87 -7.98
CA GLU A 107 18.06 -6.90 -6.94
C GLU A 107 16.88 -6.75 -5.98
N GLY A 108 15.72 -7.31 -6.35
CA GLY A 108 14.57 -7.36 -5.43
C GLY A 108 14.31 -6.06 -4.69
N GLU A 109 14.19 -6.19 -3.38
CA GLU A 109 13.78 -5.05 -2.56
C GLU A 109 14.75 -3.90 -2.63
N LEU A 110 16.06 -4.15 -2.81
CA LEU A 110 16.96 -3.01 -2.84
C LEU A 110 16.70 -2.11 -4.04
N ALA A 111 16.37 -2.69 -5.20
CA ALA A 111 16.08 -1.89 -6.38
C ALA A 111 14.84 -1.03 -6.16
N VAL A 112 13.82 -1.61 -5.54
CA VAL A 112 12.61 -0.84 -5.35
C VAL A 112 12.80 0.25 -4.31
N ALA A 113 13.46 -0.07 -3.18
CA ALA A 113 13.66 0.90 -2.13
C ALA A 113 14.55 2.06 -2.61
N ARG A 114 15.56 1.76 -3.47
CA ARG A 114 16.38 2.85 -3.98
C ARG A 114 15.57 3.81 -4.86
N ALA A 115 14.73 3.26 -5.75
CA ALA A 115 13.88 4.10 -6.62
C ALA A 115 12.85 4.88 -5.78
N ALA A 116 12.27 4.25 -4.75
CA ALA A 116 11.35 4.97 -3.88
C ALA A 116 12.03 6.11 -3.14
N ARG A 117 13.21 5.83 -2.56
CA ARG A 117 13.97 6.88 -1.91
C ARG A 117 14.20 8.05 -2.85
N ASP A 118 14.63 7.74 -4.09
CA ASP A 118 15.00 8.80 -5.02
C ASP A 118 13.78 9.62 -5.42
N ALA A 119 12.59 8.99 -5.38
CA ALA A 119 11.32 9.66 -5.75
C ALA A 119 10.67 10.36 -4.58
N GLY A 120 11.19 10.17 -3.36
CA GLY A 120 10.58 10.79 -2.22
C GLY A 120 9.32 10.07 -1.79
N VAL A 121 9.20 8.79 -2.09
CA VAL A 121 8.01 7.97 -1.78
CA VAL A 121 7.99 8.14 -1.58
C VAL A 121 8.36 7.03 -0.64
N PRO A 122 7.56 6.88 0.42
CA PRO A 122 7.83 5.81 1.39
C PRO A 122 7.76 4.43 0.78
N TYR A 123 8.59 3.54 1.32
CA TYR A 123 8.68 2.15 0.89
C TYR A 123 8.34 1.25 2.08
N THR A 124 7.37 0.35 1.93
CA THR A 124 7.04 -0.58 3.01
C THR A 124 7.86 -1.86 2.91
N ILE A 125 8.77 -2.04 3.88
CA ILE A 125 9.55 -3.30 3.99
C ILE A 125 8.64 -4.40 4.54
N CYS A 126 8.70 -5.56 3.91
N CYS A 126 8.63 -5.55 3.86
CA CYS A 126 7.89 -6.70 4.35
CA CYS A 126 7.75 -6.70 4.21
C CYS A 126 8.52 -7.51 5.47
C CYS A 126 8.41 -7.65 5.22
N THR A 127 7.65 -8.10 6.25
CA THR A 127 8.11 -9.17 7.14
C THR A 127 8.70 -10.32 6.33
N LEU A 128 8.08 -10.67 5.19
CA LEU A 128 8.60 -11.72 4.31
C LEU A 128 9.39 -11.13 3.15
N SER A 129 10.29 -10.20 3.45
CA SER A 129 11.18 -9.68 2.42
C SER A 129 12.27 -10.71 2.08
N SER A 130 12.75 -10.64 0.85
CA SER A 130 13.82 -11.57 0.40
C SER A 130 15.20 -10.95 0.55
N VAL A 131 15.28 -9.76 1.10
CA VAL A 131 16.49 -9.11 1.58
C VAL A 131 16.18 -8.64 2.99
N SER A 132 17.17 -8.68 3.88
CA SER A 132 16.87 -8.35 5.27
C SER A 132 16.40 -6.90 5.47
N LEU A 133 15.55 -6.70 6.48
CA LEU A 133 15.00 -5.37 6.74
C LEU A 133 16.12 -4.37 7.05
N GLU A 134 17.24 -4.81 7.66
CA GLU A 134 18.29 -3.84 7.96
C GLU A 134 19.00 -3.40 6.69
N GLU A 135 19.21 -4.32 5.75
CA GLU A 135 19.78 -3.94 4.46
C GLU A 135 18.89 -2.97 3.71
N ILE A 136 17.59 -3.25 3.68
CA ILE A 136 16.73 -2.33 2.95
C ILE A 136 16.68 -0.97 3.62
N ALA A 137 16.59 -0.93 4.97
CA ALA A 137 16.54 0.35 5.67
C ALA A 137 17.82 1.15 5.41
N ALA A 138 18.94 0.44 5.20
CA ALA A 138 20.18 1.19 5.02
C ALA A 138 20.22 1.94 3.69
N VAL A 139 19.37 1.57 2.73
CA VAL A 139 19.22 2.33 1.49
C VAL A 139 18.88 3.79 1.79
N GLY A 140 18.14 4.03 2.87
CA GLY A 140 17.75 5.36 3.31
C GLY A 140 16.31 5.61 2.94
N GLY A 141 15.98 6.85 2.66
CA GLY A 141 14.60 7.17 2.25
C GLY A 141 13.70 7.19 3.47
N ARG A 142 12.43 6.81 3.24
CA ARG A 142 11.48 6.75 4.35
C ARG A 142 10.91 5.33 4.47
N PRO A 143 11.64 4.42 5.12
CA PRO A 143 11.17 3.03 5.17
C PRO A 143 10.10 2.90 6.25
N TRP A 144 8.99 2.24 5.89
CA TRP A 144 8.04 1.73 6.86
C TRP A 144 8.26 0.24 6.97
N PHE A 145 7.72 -0.39 8.05
CA PHE A 145 7.87 -1.83 8.18
C PHE A 145 6.51 -2.51 8.36
N GLN A 146 6.23 -3.51 7.51
CA GLN A 146 4.95 -4.24 7.58
C GLN A 146 5.17 -5.45 8.47
N LEU A 147 4.31 -5.63 9.46
CA LEU A 147 4.40 -6.73 10.42
C LEU A 147 3.34 -7.78 10.14
N PHE A 148 3.74 -9.05 10.10
CA PHE A 148 2.84 -10.18 10.34
C PHE A 148 3.08 -10.67 11.76
N TRP A 149 1.99 -10.95 12.47
CA TRP A 149 2.11 -11.46 13.83
C TRP A 149 2.67 -12.89 13.84
N LEU A 150 3.69 -13.09 14.67
CA LEU A 150 4.28 -14.41 14.78
C LEU A 150 3.58 -15.17 15.92
N ARG A 151 3.55 -16.49 15.82
CA ARG A 151 3.22 -17.30 16.99
C ARG A 151 4.34 -17.05 17.99
N ASP A 152 4.06 -16.21 18.99
CA ASP A 152 5.00 -15.64 19.97
C ASP A 152 4.88 -14.13 20.00
N GLU A 153 4.24 -13.58 21.03
CA GLU A 153 4.33 -12.15 21.23
C GLU A 153 5.80 -11.68 21.29
N LYS A 154 6.69 -12.50 21.86
CA LYS A 154 8.04 -12.00 22.08
C LYS A 154 8.80 -11.86 20.76
N ARG A 155 8.67 -12.84 19.88
CA ARG A 155 9.32 -12.72 18.59
C ARG A 155 8.68 -11.59 17.77
N SER A 156 7.36 -11.45 17.86
CA SER A 156 6.70 -10.36 17.13
C SER A 156 7.28 -9.01 17.54
N LEU A 157 7.40 -8.79 18.85
CA LEU A 157 7.85 -7.51 19.34
C LEU A 157 9.33 -7.33 19.05
N ASP A 158 10.08 -8.44 18.91
CA ASP A 158 11.49 -8.29 18.55
C ASP A 158 11.65 -7.85 17.11
N LEU A 159 10.73 -8.27 16.24
CA LEU A 159 10.77 -7.79 14.88
C LEU A 159 10.43 -6.31 14.85
N VAL A 160 9.44 -5.91 15.64
CA VAL A 160 9.12 -4.49 15.70
C VAL A 160 10.33 -3.70 16.19
N ARG A 161 11.02 -4.23 17.21
CA ARG A 161 12.20 -3.51 17.73
C ARG A 161 13.30 -3.45 16.68
N ARG A 162 13.52 -4.53 15.93
CA ARG A 162 14.51 -4.46 14.84
C ARG A 162 14.16 -3.37 13.87
N ALA A 163 12.88 -3.31 13.47
CA ALA A 163 12.51 -2.30 12.50
C ALA A 163 12.75 -0.90 13.02
N GLU A 164 12.39 -0.64 14.29
CA GLU A 164 12.55 0.67 14.89
C GLU A 164 14.06 1.03 15.02
N ASP A 165 14.85 0.08 15.50
CA ASP A 165 16.30 0.27 15.60
C ASP A 165 16.91 0.61 14.26
N ALA A 166 16.40 0.02 13.17
CA ALA A 166 16.92 0.26 11.82
C ALA A 166 16.46 1.57 11.21
N GLY A 167 15.57 2.31 11.87
CA GLY A 167 15.10 3.60 11.38
C GLY A 167 13.80 3.56 10.59
N CYS A 168 13.06 2.45 10.66
CA CYS A 168 11.74 2.50 10.04
C CYS A 168 10.88 3.50 10.80
N GLU A 169 9.94 4.13 10.07
CA GLU A 169 9.21 5.27 10.58
C GLU A 169 7.78 4.95 10.94
N ALA A 170 7.31 3.76 10.60
CA ALA A 170 5.91 3.39 10.92
C ALA A 170 5.86 1.88 10.91
N ILE A 171 4.97 1.30 11.75
CA ILE A 171 4.73 -0.14 11.73
C ILE A 171 3.38 -0.34 11.05
N VAL A 172 3.40 -0.99 9.90
CA VAL A 172 2.18 -1.28 9.13
C VAL A 172 1.79 -2.69 9.52
N PHE A 173 0.84 -2.80 10.47
CA PHE A 173 0.48 -4.10 11.02
C PHE A 173 -0.61 -4.68 10.12
N THR A 174 -0.34 -5.78 9.42
CA THR A 174 -1.35 -6.36 8.51
C THR A 174 -2.36 -7.11 9.38
N VAL A 175 -3.65 -6.75 9.23
CA VAL A 175 -4.65 -7.27 10.17
C VAL A 175 -5.70 -8.10 9.45
N ASP A 176 -5.52 -8.34 8.14
CA ASP A 176 -6.48 -9.12 7.35
C ASP A 176 -5.96 -10.50 6.95
N VAL A 177 -4.88 -10.99 7.59
CA VAL A 177 -4.33 -12.30 7.30
C VAL A 177 -4.27 -13.10 8.58
N PRO A 178 -5.40 -13.52 9.15
CA PRO A 178 -5.30 -14.57 10.20
C PRO A 178 -4.60 -15.79 9.66
N TRP A 179 -4.82 -16.08 8.38
CA TRP A 179 -4.06 -17.02 7.56
C TRP A 179 -4.16 -16.56 6.13
N MET A 180 -3.30 -17.09 5.25
CA MET A 180 -3.33 -16.70 3.85
C MET A 180 -4.58 -17.20 3.14
N GLY A 181 -5.12 -16.37 2.24
CA GLY A 181 -6.24 -16.78 1.40
C GLY A 181 -5.89 -17.88 0.41
N ARG A 182 -6.95 -18.41 -0.23
CA ARG A 182 -6.83 -19.53 -1.17
C ARG A 182 -6.58 -18.99 -2.58
N ARG A 183 -5.31 -18.97 -3.01
CA ARG A 183 -4.98 -18.41 -4.32
C ARG A 183 -4.95 -19.56 -5.32
N LEU A 184 -6.04 -19.71 -6.08
CA LEU A 184 -6.21 -20.89 -6.92
C LEU A 184 -5.22 -20.94 -8.08
N ARG A 185 -4.78 -19.78 -8.59
CA ARG A 185 -3.69 -19.82 -9.58
C ARG A 185 -2.47 -20.55 -9.03
N ASP A 186 -2.07 -20.22 -7.80
CA ASP A 186 -0.89 -20.86 -7.22
C ASP A 186 -1.12 -22.34 -6.98
N MET A 187 -2.34 -22.71 -6.58
CA MET A 187 -2.64 -24.14 -6.38
C MET A 187 -2.62 -24.89 -7.70
N ARG A 188 -3.24 -24.31 -8.74
CA ARG A 188 -3.21 -24.94 -10.06
C ARG A 188 -1.80 -25.05 -10.60
N ASN A 189 -0.94 -24.05 -10.30
CA ASN A 189 0.45 -24.06 -10.74
C ASN A 189 1.34 -24.91 -9.84
N GLY A 190 0.85 -25.38 -8.70
CA GLY A 190 1.71 -25.94 -7.68
C GLY A 190 2.89 -25.02 -7.41
N PHE A 191 2.61 -23.73 -7.20
CA PHE A 191 3.66 -22.74 -7.07
C PHE A 191 4.34 -22.80 -5.70
N ALA A 192 5.67 -22.71 -5.70
CA ALA A 192 6.46 -22.69 -4.48
C ALA A 192 7.62 -21.74 -4.67
N LEU A 193 8.16 -21.27 -3.55
CA LEU A 193 9.33 -20.40 -3.58
C LEU A 193 10.50 -21.14 -4.19
N PRO A 194 11.10 -20.62 -5.26
CA PRO A 194 12.40 -21.13 -5.68
C PRO A 194 13.38 -21.14 -4.51
N GLU A 195 14.32 -22.08 -4.57
CA GLU A 195 15.29 -22.19 -3.47
C GLU A 195 16.19 -20.97 -3.36
N TRP A 196 16.34 -20.18 -4.44
CA TRP A 196 17.15 -18.96 -4.40
C TRP A 196 16.41 -17.76 -3.80
N VAL A 197 15.18 -17.94 -3.32
CA VAL A 197 14.45 -16.88 -2.62
C VAL A 197 14.12 -17.39 -1.23
N THR A 198 14.52 -16.63 -0.21
CA THR A 198 14.19 -16.97 1.18
C THR A 198 13.61 -15.76 1.92
N ALA A 199 13.02 -16.06 3.09
CA ALA A 199 12.54 -15.04 4.03
C ALA A 199 13.73 -14.55 4.83
N ALA A 200 14.36 -13.49 4.31
CA ALA A 200 15.66 -13.05 4.78
C ALA A 200 15.64 -12.49 6.19
N ASN A 201 14.45 -12.18 6.73
CA ASN A 201 14.38 -11.70 8.09
C ASN A 201 14.46 -12.80 9.13
N PHE A 202 14.46 -14.05 8.70
CA PHE A 202 14.43 -15.18 9.65
C PHE A 202 15.67 -16.09 9.55
N PHE A 226 3.58 -18.36 12.38
CA PHE A 226 2.61 -17.24 12.37
C PHE A 226 1.35 -17.61 13.12
N ALA A 227 0.74 -16.63 13.79
CA ALA A 227 -0.51 -16.82 14.51
C ALA A 227 -1.42 -15.63 14.23
N PRO A 228 -2.73 -15.84 14.24
CA PRO A 228 -3.66 -14.75 13.92
C PRO A 228 -3.56 -13.57 14.90
N ALA A 229 -3.45 -12.36 14.34
CA ALA A 229 -3.43 -11.16 15.16
C ALA A 229 -4.83 -10.87 15.69
N THR A 230 -4.89 -10.33 16.91
CA THR A 230 -6.11 -9.83 17.54
C THR A 230 -5.92 -8.40 18.05
N TRP A 231 -6.98 -7.78 18.58
CA TRP A 231 -6.83 -6.47 19.18
C TRP A 231 -5.83 -6.45 20.33
N GLU A 232 -5.68 -7.60 21.02
CA GLU A 232 -4.66 -7.69 22.06
CA GLU A 232 -4.66 -7.69 22.06
C GLU A 232 -3.27 -7.54 21.45
N SER A 233 -3.07 -8.08 20.26
CA SER A 233 -1.77 -7.98 19.58
C SER A 233 -1.48 -6.55 19.20
N VAL A 234 -2.49 -5.86 18.70
CA VAL A 234 -2.35 -4.43 18.40
C VAL A 234 -1.90 -3.65 19.61
N GLU A 235 -2.53 -3.91 20.78
CA GLU A 235 -2.15 -3.20 21.98
C GLU A 235 -0.72 -3.52 22.38
N ALA A 236 -0.30 -4.78 22.21
CA ALA A 236 1.08 -5.15 22.57
C ALA A 236 2.05 -4.38 21.70
N VAL A 237 1.73 -4.22 20.43
CA VAL A 237 2.64 -3.47 19.57
C VAL A 237 2.64 -2.00 19.96
N ARG A 238 1.47 -1.41 20.15
CA ARG A 238 1.37 0.00 20.49
C ARG A 238 2.10 0.34 21.78
N ALA A 239 2.02 -0.55 22.77
CA ALA A 239 2.73 -0.34 24.03
C ALA A 239 4.23 -0.45 23.89
N HIS A 240 4.73 -1.08 22.83
CA HIS A 240 6.15 -1.37 22.75
C HIS A 240 6.90 -0.55 21.70
N THR A 241 6.24 0.44 21.11
CA THR A 241 6.92 1.28 20.14
C THR A 241 6.39 2.69 20.29
N ASP A 242 7.26 3.68 20.01
CA ASP A 242 6.77 5.03 19.82
C ASP A 242 6.44 5.33 18.35
N LEU A 243 6.67 4.39 17.44
CA LEU A 243 6.34 4.64 16.03
C LEU A 243 4.83 4.59 15.85
N PRO A 244 4.29 5.32 14.87
CA PRO A 244 2.86 5.17 14.57
C PRO A 244 2.58 3.75 14.10
N VAL A 245 1.48 3.17 14.62
CA VAL A 245 1.02 1.86 14.24
C VAL A 245 -0.13 2.07 13.27
N VAL A 246 -0.04 1.44 12.11
CA VAL A 246 -0.98 1.63 11.01
C VAL A 246 -1.60 0.27 10.73
N LEU A 247 -2.96 0.14 10.85
CA LEU A 247 -3.56 -1.16 10.69
C LEU A 247 -4.02 -1.34 9.24
N LYS A 248 -3.40 -2.30 8.52
CA LYS A 248 -3.65 -2.47 7.10
C LYS A 248 -4.61 -3.63 6.88
N GLY A 249 -5.72 -3.35 6.18
CA GLY A 249 -6.72 -4.36 5.92
C GLY A 249 -8.04 -4.11 6.64
N ILE A 250 -8.33 -2.88 6.98
CA ILE A 250 -9.59 -2.52 7.65
C ILE A 250 -10.63 -2.26 6.56
N LEU A 251 -11.85 -2.86 6.70
CA LEU A 251 -12.95 -2.55 5.78
C LEU A 251 -14.23 -2.12 6.52
N ALA A 252 -14.46 -2.61 7.75
CA ALA A 252 -15.70 -2.27 8.45
C ALA A 252 -15.54 -0.92 9.15
N VAL A 253 -16.59 -0.08 9.08
CA VAL A 253 -16.57 1.19 9.77
C VAL A 253 -16.28 1.04 11.25
N GLU A 254 -16.93 0.05 11.93
CA GLU A 254 -16.64 -0.07 13.36
C GLU A 254 -15.21 -0.51 13.66
N ASP A 255 -14.56 -1.25 12.74
CA ASP A 255 -13.14 -1.57 12.93
C ASP A 255 -12.28 -0.32 12.75
N ALA A 256 -12.67 0.59 11.86
CA ALA A 256 -11.89 1.82 11.72
C ALA A 256 -12.03 2.66 12.98
N ARG A 257 -13.27 2.77 13.53
CA ARG A 257 -13.41 3.51 14.78
C ARG A 257 -12.64 2.87 15.92
N ARG A 258 -12.71 1.53 16.04
CA ARG A 258 -11.96 0.84 17.09
C ARG A 258 -10.45 1.02 16.90
N ALA A 259 -9.99 1.06 15.64
CA ALA A 259 -8.56 1.32 15.43
C ALA A 259 -8.14 2.66 16.04
N VAL A 260 -8.94 3.72 15.85
CA VAL A 260 -8.60 5.01 16.46
C VAL A 260 -8.59 4.87 17.98
N ASP A 261 -9.63 4.22 18.54
CA ASP A 261 -9.72 4.04 19.99
C ASP A 261 -8.54 3.27 20.52
N ALA A 262 -8.01 2.34 19.73
CA ALA A 262 -6.87 1.50 20.07
C ALA A 262 -5.54 2.23 19.97
N GLY A 263 -5.51 3.48 19.50
CA GLY A 263 -4.28 4.25 19.42
C GLY A 263 -3.53 4.10 18.10
N ALA A 264 -4.17 3.55 17.07
CA ALA A 264 -3.54 3.57 15.74
C ALA A 264 -3.33 4.98 15.24
N GLY A 265 -2.19 5.15 14.60
CA GLY A 265 -1.90 6.38 13.92
C GLY A 265 -2.44 6.45 12.52
N GLY A 266 -2.84 5.31 11.99
CA GLY A 266 -3.41 5.26 10.65
C GLY A 266 -4.05 3.93 10.40
N ILE A 267 -4.81 3.85 9.29
CA ILE A 267 -5.36 2.58 8.80
C ILE A 267 -5.16 2.56 7.29
N VAL A 268 -5.11 1.35 6.72
CA VAL A 268 -5.18 1.20 5.26
C VAL A 268 -6.46 0.46 4.96
N VAL A 269 -7.40 1.16 4.34
CA VAL A 269 -8.68 0.59 3.93
C VAL A 269 -8.40 -0.26 2.68
N SER A 270 -8.61 -1.57 2.78
CA SER A 270 -7.99 -2.50 1.83
C SER A 270 -8.62 -3.88 1.92
N ASN A 271 -8.85 -4.53 0.76
CA ASN A 271 -9.16 -5.95 0.76
C ASN A 271 -7.95 -6.79 0.32
N HIS A 272 -6.75 -6.25 0.55
CA HIS A 272 -5.51 -7.00 0.32
C HIS A 272 -5.37 -7.34 -1.17
N GLY A 273 -5.70 -6.39 -2.03
CA GLY A 273 -5.58 -6.65 -3.48
C GLY A 273 -6.41 -7.82 -3.97
N GLY A 274 -7.50 -8.14 -3.27
CA GLY A 274 -8.34 -9.27 -3.65
C GLY A 274 -7.75 -10.63 -3.38
N ARG A 275 -6.73 -10.69 -2.54
CA ARG A 275 -6.00 -11.93 -2.27
C ARG A 275 -6.42 -12.65 -0.99
N GLN A 276 -7.32 -12.05 -0.19
CA GLN A 276 -7.69 -12.64 1.09
C GLN A 276 -9.11 -13.16 0.99
N LEU A 277 -10.12 -12.48 1.57
CA LEU A 277 -11.49 -12.99 1.40
C LEU A 277 -11.98 -12.68 0.00
N ASP A 278 -12.35 -13.70 -0.77
CA ASP A 278 -12.95 -13.47 -2.07
C ASP A 278 -14.41 -13.12 -1.86
N GLY A 279 -14.81 -11.93 -2.31
CA GLY A 279 -16.11 -11.40 -1.95
C GLY A 279 -16.03 -10.27 -0.96
N ALA A 280 -14.83 -9.97 -0.46
CA ALA A 280 -14.69 -8.78 0.36
C ALA A 280 -14.87 -7.53 -0.49
N VAL A 281 -15.62 -6.57 0.08
CA VAL A 281 -15.85 -5.29 -0.57
C VAL A 281 -14.51 -4.60 -0.90
N PRO A 282 -14.42 -3.87 -2.02
CA PRO A 282 -13.22 -3.05 -2.27
C PRO A 282 -13.09 -1.97 -1.25
N GLY A 283 -11.85 -1.67 -0.85
CA GLY A 283 -11.63 -0.58 0.09
C GLY A 283 -12.18 0.75 -0.41
N ILE A 284 -12.02 1.04 -1.72
CA ILE A 284 -12.48 2.31 -2.23
CA ILE A 284 -12.49 2.30 -2.28
C ILE A 284 -13.98 2.51 -2.02
N GLU A 285 -14.77 1.41 -1.89
CA GLU A 285 -16.22 1.55 -1.67
C GLU A 285 -16.55 1.85 -0.21
N MET A 286 -15.64 1.52 0.71
CA MET A 286 -15.83 1.83 2.14
C MET A 286 -15.14 3.11 2.58
N LEU A 287 -14.28 3.68 1.72
CA LEU A 287 -13.40 4.75 2.14
C LEU A 287 -14.15 5.98 2.63
N GLY A 288 -15.17 6.43 1.89
CA GLY A 288 -15.82 7.66 2.29
C GLY A 288 -16.53 7.53 3.64
N GLU A 289 -17.19 6.40 3.84
CA GLU A 289 -17.85 6.19 5.12
CA GLU A 289 -17.86 6.14 5.11
C GLU A 289 -16.85 6.10 6.25
N ILE A 290 -15.72 5.43 6.01
CA ILE A 290 -14.69 5.33 7.04
C ILE A 290 -14.07 6.68 7.37
N VAL A 291 -13.80 7.50 6.32
CA VAL A 291 -13.21 8.82 6.59
C VAL A 291 -14.15 9.67 7.43
N ALA A 292 -15.44 9.58 7.16
CA ALA A 292 -16.39 10.33 7.98
C ALA A 292 -16.44 9.81 9.41
N ALA A 293 -16.37 8.50 9.61
CA ALA A 293 -16.46 7.94 10.96
C ALA A 293 -15.23 8.25 11.81
N VAL A 294 -14.04 8.34 11.23
N VAL A 294 -14.07 8.33 11.16
CA VAL A 294 -12.92 8.63 12.13
CA VAL A 294 -12.78 8.50 11.83
C VAL A 294 -12.74 10.13 12.33
C VAL A 294 -12.63 9.93 12.34
N SER A 295 -13.30 10.95 11.44
N SER A 295 -13.31 10.88 11.68
CA SER A 295 -13.37 12.40 11.64
CA SER A 295 -13.32 12.30 12.05
C SER A 295 -12.02 12.96 12.10
C SER A 295 -11.91 12.82 12.32
N GLY A 296 -10.99 12.59 11.37
CA GLY A 296 -9.62 13.10 11.60
C GLY A 296 -8.82 12.43 12.71
N GLY A 297 -9.33 11.37 13.33
CA GLY A 297 -8.65 10.71 14.42
C GLY A 297 -7.39 9.93 14.03
N CYS A 298 -7.23 9.58 12.76
CA CYS A 298 -6.01 8.91 12.27
C CYS A 298 -5.94 9.15 10.76
N GLU A 299 -4.75 8.86 10.19
CA GLU A 299 -4.61 8.94 8.75
C GLU A 299 -5.37 7.79 8.14
N VAL A 300 -6.05 8.03 7.01
CA VAL A 300 -6.81 6.97 6.35
C VAL A 300 -6.23 6.78 4.95
N LEU A 301 -5.54 5.67 4.72
CA LEU A 301 -4.98 5.33 3.41
C LEU A 301 -5.90 4.30 2.76
N VAL A 302 -5.73 4.12 1.46
CA VAL A 302 -6.50 3.13 0.74
C VAL A 302 -5.56 2.44 -0.25
N ASP A 303 -5.87 1.19 -0.58
CA ASP A 303 -5.16 0.56 -1.70
C ASP A 303 -6.10 -0.35 -2.46
N GLY A 304 -5.59 -0.92 -3.54
CA GLY A 304 -6.35 -1.83 -4.36
C GLY A 304 -6.66 -1.24 -5.72
N GLY A 305 -5.90 -1.62 -6.76
CA GLY A 305 -6.26 -1.17 -8.09
C GLY A 305 -5.81 0.22 -8.51
N ILE A 306 -5.00 0.93 -7.71
CA ILE A 306 -4.56 2.26 -8.13
C ILE A 306 -3.58 2.08 -9.30
N ARG A 307 -3.92 2.65 -10.48
CA ARG A 307 -3.14 2.42 -11.71
C ARG A 307 -2.81 3.69 -12.46
N SER A 308 -3.06 4.86 -11.89
CA SER A 308 -2.81 6.13 -12.57
C SER A 308 -2.86 7.26 -11.57
N GLY A 309 -2.35 8.41 -11.98
CA GLY A 309 -2.53 9.58 -11.15
C GLY A 309 -4.00 10.01 -11.02
N GLY A 310 -4.81 9.78 -12.06
CA GLY A 310 -6.23 10.00 -11.92
C GLY A 310 -6.85 9.14 -10.82
N ASP A 311 -6.41 7.88 -10.71
CA ASP A 311 -6.92 7.02 -9.63
C ASP A 311 -6.50 7.56 -8.28
N VAL A 312 -5.25 8.07 -8.16
CA VAL A 312 -4.85 8.72 -6.91
C VAL A 312 -5.76 9.88 -6.60
N LEU A 313 -6.09 10.69 -7.62
CA LEU A 313 -6.99 11.82 -7.38
C LEU A 313 -8.34 11.34 -6.89
N LYS A 314 -8.89 10.29 -7.51
CA LYS A 314 -10.18 9.75 -7.04
C LYS A 314 -10.11 9.34 -5.58
N ALA A 315 -9.06 8.63 -5.19
CA ALA A 315 -8.94 8.20 -3.80
C ALA A 315 -8.87 9.38 -2.86
N THR A 316 -8.08 10.43 -3.24
CA THR A 316 -7.99 11.63 -2.43
CA THR A 316 -8.01 11.58 -2.36
C THR A 316 -9.36 12.30 -2.31
N ALA A 317 -10.09 12.41 -3.46
CA ALA A 317 -11.40 13.09 -3.44
C ALA A 317 -12.40 12.35 -2.54
N LEU A 318 -12.24 11.04 -2.42
CA LEU A 318 -13.09 10.24 -1.49
C LEU A 318 -12.59 10.33 -0.07
N GLY A 319 -11.47 10.99 0.19
CA GLY A 319 -11.02 11.31 1.53
C GLY A 319 -9.72 10.67 1.97
N ALA A 320 -9.05 9.87 1.12
CA ALA A 320 -7.80 9.24 1.53
C ALA A 320 -6.71 10.28 1.76
N SER A 321 -5.90 10.02 2.80
CA SER A 321 -4.68 10.78 3.03
C SER A 321 -3.61 10.44 2.00
N ALA A 322 -3.58 9.18 1.55
CA ALA A 322 -2.58 8.68 0.62
C ALA A 322 -3.02 7.31 0.17
N VAL A 323 -2.39 6.79 -0.87
CA VAL A 323 -2.67 5.46 -1.36
C VAL A 323 -1.44 4.59 -1.22
N LEU A 324 -1.66 3.28 -1.27
CA LEU A 324 -0.56 2.34 -1.55
C LEU A 324 -0.71 1.79 -2.95
N VAL A 325 0.44 1.46 -3.55
CA VAL A 325 0.51 0.89 -4.91
C VAL A 325 1.36 -0.37 -4.83
N GLY A 326 0.79 -1.50 -5.24
CA GLY A 326 1.44 -2.81 -5.14
C GLY A 326 1.88 -3.34 -6.48
N ARG A 327 0.99 -4.06 -7.17
CA ARG A 327 1.40 -4.74 -8.41
C ARG A 327 2.12 -3.86 -9.42
N PRO A 328 1.72 -2.62 -9.70
CA PRO A 328 2.43 -1.85 -10.75
C PRO A 328 3.89 -1.68 -10.41
N VAL A 329 4.23 -1.56 -9.13
CA VAL A 329 5.66 -1.35 -8.79
C VAL A 329 6.44 -2.60 -9.12
N MET A 330 5.85 -3.77 -8.87
CA MET A 330 6.46 -5.05 -9.20
C MET A 330 6.56 -5.25 -10.72
N TRP A 331 5.59 -4.76 -11.51
CA TRP A 331 5.71 -4.82 -12.97
C TRP A 331 6.93 -4.04 -13.41
N ALA A 332 7.09 -2.83 -12.86
CA ALA A 332 8.20 -1.98 -13.27
C ALA A 332 9.52 -2.65 -12.88
N LEU A 333 9.58 -3.24 -11.68
CA LEU A 333 10.77 -3.94 -11.21
C LEU A 333 11.11 -5.11 -12.14
N ALA A 334 10.12 -5.93 -12.47
CA ALA A 334 10.35 -7.04 -13.38
C ALA A 334 10.84 -6.55 -14.74
N ALA A 335 10.29 -5.45 -15.23
CA ALA A 335 10.55 -5.03 -16.60
C ALA A 335 11.92 -4.41 -16.74
N ALA A 336 12.38 -3.68 -15.70
CA ALA A 336 13.60 -2.89 -15.88
C ALA A 336 14.30 -2.56 -14.57
N GLY A 337 14.10 -3.32 -13.50
CA GLY A 337 14.83 -3.14 -12.27
C GLY A 337 14.62 -1.78 -11.64
N GLN A 338 15.67 -1.28 -11.01
CA GLN A 338 15.58 0.01 -10.33
C GLN A 338 15.14 1.12 -11.28
N ASP A 339 15.74 1.18 -12.48
CA ASP A 339 15.36 2.21 -13.44
CA ASP A 339 15.36 2.24 -13.41
C ASP A 339 13.89 2.10 -13.83
N GLY A 340 13.38 0.88 -13.95
CA GLY A 340 11.97 0.68 -14.23
C GLY A 340 11.09 1.27 -13.14
N VAL A 341 11.43 0.99 -11.90
CA VAL A 341 10.61 1.57 -10.80
C VAL A 341 10.73 3.08 -10.77
N ARG A 342 11.93 3.63 -11.00
CA ARG A 342 12.08 5.07 -11.09
C ARG A 342 11.17 5.66 -12.15
N GLN A 343 11.13 5.04 -13.35
CA GLN A 343 10.32 5.59 -14.43
C GLN A 343 8.83 5.51 -14.07
N LEU A 344 8.44 4.42 -13.40
CA LEU A 344 7.04 4.31 -12.98
C LEU A 344 6.69 5.42 -12.02
N LEU A 345 7.54 5.64 -11.02
CA LEU A 345 7.22 6.67 -10.03
C LEU A 345 7.25 8.06 -10.67
N GLU A 346 8.15 8.29 -11.65
CA GLU A 346 8.11 9.59 -12.31
C GLU A 346 6.82 9.78 -13.13
N LEU A 347 6.36 8.72 -13.79
CA LEU A 347 5.11 8.79 -14.54
C LEU A 347 3.95 9.04 -13.59
N LEU A 348 3.90 8.30 -12.48
CA LEU A 348 2.82 8.55 -11.51
C LEU A 348 2.88 9.96 -10.94
N ALA A 349 4.10 10.46 -10.66
CA ALA A 349 4.20 11.82 -10.19
C ALA A 349 3.65 12.82 -11.20
N GLU A 350 4.01 12.68 -12.49
CA GLU A 350 3.48 13.59 -13.50
C GLU A 350 1.96 13.48 -13.60
N GLU A 351 1.45 12.25 -13.57
CA GLU A 351 -0.01 12.07 -13.70
C GLU A 351 -0.75 12.68 -12.50
N VAL A 352 -0.18 12.57 -11.28
CA VAL A 352 -0.84 13.15 -10.11
C VAL A 352 -0.86 14.66 -10.19
N ARG A 353 0.28 15.27 -10.59
CA ARG A 353 0.32 16.71 -10.73
C ARG A 353 -0.65 17.18 -11.81
N ASP A 354 -0.68 16.47 -12.96
CA ASP A 354 -1.59 16.80 -14.05
C ASP A 354 -3.05 16.74 -13.59
N ALA A 355 -3.41 15.63 -12.93
CA ALA A 355 -4.82 15.46 -12.50
C ALA A 355 -5.22 16.50 -11.48
N MET A 356 -4.33 16.78 -10.51
CA MET A 356 -4.63 17.79 -9.50
C MET A 356 -4.88 19.15 -10.13
N GLY A 357 -3.99 19.58 -11.03
CA GLY A 357 -4.15 20.89 -11.60
C GLY A 357 -5.38 21.00 -12.48
N LEU A 358 -5.62 19.97 -13.31
CA LEU A 358 -6.82 19.96 -14.13
C LEU A 358 -8.07 19.99 -13.27
N ALA A 359 -8.00 19.47 -12.04
CA ALA A 359 -9.16 19.55 -11.13
C ALA A 359 -9.16 20.78 -10.19
N GLY A 360 -8.25 21.75 -10.43
CA GLY A 360 -8.26 22.99 -9.69
C GLY A 360 -7.68 22.88 -8.30
N CYS A 361 -6.74 21.94 -8.09
CA CYS A 361 -6.25 21.69 -6.73
C CYS A 361 -4.78 22.01 -6.65
N GLU A 362 -4.45 22.99 -5.81
CA GLU A 362 -3.04 23.37 -5.66
C GLU A 362 -2.34 22.49 -4.62
N SER A 363 -3.10 21.72 -3.85
CA SER A 363 -2.55 20.88 -2.81
C SER A 363 -3.40 19.64 -2.67
N VAL A 364 -2.83 18.64 -2.03
CA VAL A 364 -3.58 17.41 -1.76
C VAL A 364 -4.79 17.69 -0.83
N GLY A 365 -4.64 18.60 0.12
CA GLY A 365 -5.79 18.96 0.93
C GLY A 365 -6.95 19.46 0.12
N ALA A 366 -6.67 20.32 -0.89
CA ALA A 366 -7.74 20.74 -1.78
C ALA A 366 -8.36 19.59 -2.52
N ALA A 367 -7.54 18.62 -2.96
CA ALA A 367 -8.10 17.46 -3.65
C ALA A 367 -9.05 16.66 -2.74
N ARG A 368 -8.78 16.65 -1.43
CA ARG A 368 -9.66 15.91 -0.56
C ARG A 368 -11.02 16.60 -0.44
N ARG A 369 -11.11 17.90 -0.78
CA ARG A 369 -12.39 18.58 -0.73
C ARG A 369 -13.16 18.49 -2.06
N LEU A 370 -12.58 17.89 -3.09
CA LEU A 370 -13.35 17.62 -4.32
C LEU A 370 -14.52 16.72 -4.05
N ASN A 371 -15.61 16.97 -4.80
CA ASN A 371 -16.74 16.05 -4.80
C ASN A 371 -16.64 15.07 -5.96
N THR A 372 -17.38 13.97 -5.82
CA THR A 372 -17.40 12.89 -6.79
C THR A 372 -18.83 12.51 -7.12
N LYS A 373 -18.98 11.83 -8.26
CA LYS A 373 -20.29 11.29 -8.64
C LYS A 373 -20.08 9.88 -9.13
N LEU A 374 -20.95 8.94 -8.75
CA LEU A 374 -20.85 7.60 -9.30
C LEU A 374 -21.52 7.48 -10.66
N GLY A 375 -20.88 6.76 -11.58
CA GLY A 375 -21.39 6.62 -12.94
C GLY A 375 -21.56 5.17 -13.33
#